data_1ZSK
#
_entry.id   1ZSK
#
_cell.length_a   121.044
_cell.length_b   121.044
_cell.length_c   121.044
_cell.angle_alpha   90.00
_cell.angle_beta   90.00
_cell.angle_gamma   90.00
#
_symmetry.space_group_name_H-M   'I 2 3'
#
loop_
_entity.id
_entity.type
_entity.pdbx_description
1 polymer 'Coagulation factor XI'
2 non-polymer 'SULFATE ION'
3 non-polymer 'BICARBONATE ION'
4 non-polymer '6-CARBAMIMIDOYL-4-(3-HYDROXY-2-METHYL-BENZOYLAMINO)-NAPHTHALENE-2-CARBOXYLIC ACID METHYL ESTER'
5 water water
#
_entity_poly.entity_id   1
_entity_poly.type   'polypeptide(L)'
_entity_poly.pdbx_seq_one_letter_code
;IVGGTASVRGEWPWQVTLHTTSPTQRHLCGGSIIGNQWILTAAHCFYGVESPKILRVYSGILNQAEIAEDTSFFGVQEII
IHDQYKMAESGYDIALLKLETTVNYADSQRPISLPSKGDRNVIYTDCWVTGWGYRKLRDKIQNTLQKAKIPLVTNEECQK
RYRGHKITHKMICAGYREGGKDACKGDSGGPLSCKHNEVWHLVGITSWGEGCAQRERPGVYTNVVEYVDWILEKTQAV
;
_entity_poly.pdbx_strand_id   A
#
loop_
_chem_comp.id
_chem_comp.type
_chem_comp.name
_chem_comp.formula
421 non-polymer '6-CARBAMIMIDOYL-4-(3-HYDROXY-2-METHYL-BENZOYLAMINO)-NAPHTHALENE-2-CARBOXYLIC ACID METHYL ESTER' 'C21 H19 N3 O4'
BCT non-polymer 'BICARBONATE ION' 'C H O3 -1'
SO4 non-polymer 'SULFATE ION' 'O4 S -2'
#
# COMPACT_ATOMS: atom_id res chain seq x y z
N ILE A 1 -0.50 -0.29 -11.43
CA ILE A 1 0.86 -0.87 -11.60
C ILE A 1 1.28 -0.81 -13.06
N VAL A 2 2.43 -0.20 -13.33
CA VAL A 2 2.94 -0.09 -14.68
C VAL A 2 3.98 -1.17 -14.94
N GLY A 3 3.89 -1.82 -16.10
CA GLY A 3 4.86 -2.83 -16.47
C GLY A 3 4.79 -4.14 -15.70
N GLY A 4 3.65 -4.41 -15.07
CA GLY A 4 3.50 -5.63 -14.30
C GLY A 4 2.66 -6.67 -15.03
N THR A 5 2.25 -7.70 -14.31
CA THR A 5 1.43 -8.77 -14.89
C THR A 5 0.33 -9.15 -13.91
N ALA A 6 -0.62 -9.95 -14.38
CA ALA A 6 -1.74 -10.41 -13.55
C ALA A 6 -1.23 -11.31 -12.43
N SER A 7 -1.71 -11.09 -11.21
CA SER A 7 -1.28 -11.93 -10.11
C SER A 7 -2.10 -13.22 -10.07
N VAL A 8 -1.60 -14.20 -9.32
CA VAL A 8 -2.31 -15.46 -9.15
C VAL A 8 -3.25 -15.25 -7.96
N ARG A 9 -4.46 -15.79 -8.04
CA ARG A 9 -5.39 -15.65 -6.93
C ARG A 9 -4.75 -16.15 -5.64
N GLY A 10 -4.89 -15.35 -4.57
CA GLY A 10 -4.32 -15.73 -3.29
C GLY A 10 -2.83 -15.53 -3.13
N GLU A 11 -2.19 -15.05 -4.20
CA GLU A 11 -0.75 -14.80 -4.20
C GLU A 11 -0.33 -13.69 -3.21
N TRP A 12 -1.23 -12.75 -2.96
CA TRP A 12 -0.95 -11.66 -2.04
C TRP A 12 -2.16 -11.55 -1.11
N PRO A 13 -2.36 -12.57 -0.25
CA PRO A 13 -3.48 -12.63 0.69
C PRO A 13 -3.63 -11.46 1.67
N TRP A 14 -2.62 -10.61 1.78
CA TRP A 14 -2.71 -9.47 2.70
C TRP A 14 -3.24 -8.22 1.98
N GLN A 15 -3.24 -8.26 0.65
CA GLN A 15 -3.73 -7.13 -0.16
C GLN A 15 -5.25 -6.99 -0.12
N VAL A 16 -5.72 -5.78 0.16
CA VAL A 16 -7.16 -5.52 0.15
C VAL A 16 -7.44 -4.36 -0.79
N THR A 17 -8.69 -4.24 -1.22
CA THR A 17 -9.08 -3.13 -2.06
C THR A 17 -10.06 -2.33 -1.23
N LEU A 18 -9.73 -1.05 -1.00
CA LEU A 18 -10.57 -0.16 -0.22
C LEU A 18 -11.46 0.63 -1.16
N HIS A 19 -12.77 0.52 -0.97
CA HIS A 19 -13.73 1.23 -1.82
C HIS A 19 -14.42 2.33 -1.05
N THR A 20 -14.93 3.31 -1.79
CA THR A 20 -15.72 4.38 -1.20
C THR A 20 -17.08 4.19 -1.89
N THR A 21 -18.16 4.51 -1.21
CA THR A 21 -19.49 4.34 -1.80
C THR A 21 -20.04 5.66 -2.35
N SER A 22 -19.27 6.73 -2.18
CA SER A 22 -19.69 8.06 -2.65
C SER A 22 -18.88 8.62 -3.80
N PRO A 23 -19.55 9.12 -4.85
CA PRO A 23 -21.02 9.17 -4.97
C PRO A 23 -21.57 7.77 -5.27
N THR A 24 -20.84 7.01 -6.07
CA THR A 24 -21.21 5.64 -6.39
C THR A 24 -19.96 4.82 -6.05
N GLN A 25 -20.14 3.55 -5.72
CA GLN A 25 -19.00 2.73 -5.31
C GLN A 25 -17.90 2.58 -6.35
N ARG A 26 -16.66 2.67 -5.87
CA ARG A 26 -15.48 2.51 -6.71
C ARG A 26 -14.26 2.24 -5.84
N HIS A 27 -13.24 1.63 -6.43
CA HIS A 27 -11.99 1.35 -5.74
C HIS A 27 -11.33 2.69 -5.44
N LEU A 28 -10.85 2.87 -4.21
CA LEU A 28 -10.20 4.11 -3.80
C LEU A 28 -8.69 3.91 -3.60
N CYS A 29 -8.34 2.88 -2.85
CA CYS A 29 -6.93 2.65 -2.54
C CYS A 29 -6.66 1.17 -2.23
N GLY A 30 -5.37 0.85 -2.16
CA GLY A 30 -4.97 -0.49 -1.78
C GLY A 30 -4.73 -0.43 -0.28
N GLY A 31 -4.42 -1.55 0.34
CA GLY A 31 -4.17 -1.59 1.78
C GLY A 31 -3.63 -2.97 2.12
N SER A 32 -3.14 -3.15 3.34
CA SER A 32 -2.60 -4.43 3.78
C SER A 32 -3.17 -4.89 5.12
N ILE A 33 -3.53 -6.17 5.21
CA ILE A 33 -4.03 -6.71 6.46
C ILE A 33 -2.81 -6.95 7.34
N ILE A 34 -2.78 -6.34 8.53
CA ILE A 34 -1.67 -6.54 9.45
C ILE A 34 -2.16 -7.07 10.79
N GLY A 35 -3.47 -7.15 10.95
CA GLY A 35 -4.07 -7.65 12.18
C GLY A 35 -5.49 -8.08 11.92
N ASN A 36 -6.09 -8.82 12.85
CA ASN A 36 -7.46 -9.31 12.68
C ASN A 36 -8.47 -8.21 12.43
N GLN A 37 -8.19 -7.01 12.92
CA GLN A 37 -9.11 -5.90 12.77
C GLN A 37 -8.39 -4.66 12.24
N TRP A 38 -7.22 -4.88 11.64
CA TRP A 38 -6.43 -3.75 11.15
C TRP A 38 -5.88 -3.80 9.74
N ILE A 39 -6.10 -2.70 9.02
CA ILE A 39 -5.61 -2.54 7.67
C ILE A 39 -4.61 -1.38 7.71
N LEU A 40 -3.42 -1.57 7.16
CA LEU A 40 -2.43 -0.49 7.11
C LEU A 40 -2.48 0.07 5.69
N THR A 41 -2.62 1.39 5.58
CA THR A 41 -2.71 2.00 4.25
C THR A 41 -2.08 3.41 4.24
N ALA A 42 -2.34 4.18 3.19
CA ALA A 42 -1.77 5.53 3.09
C ALA A 42 -2.73 6.60 3.57
N ALA A 43 -2.19 7.59 4.28
CA ALA A 43 -3.01 8.65 4.87
C ALA A 43 -3.68 9.51 3.80
N HIS A 44 -2.93 9.76 2.70
CA HIS A 44 -3.45 10.63 1.65
C HIS A 44 -4.58 9.96 0.85
N CYS A 45 -4.98 8.77 1.32
CA CYS A 45 -6.06 8.06 0.63
C CYS A 45 -7.44 8.52 1.11
N PHE A 46 -7.43 9.29 2.21
CA PHE A 46 -8.68 9.73 2.81
C PHE A 46 -8.92 11.23 2.64
N TYR A 47 -8.42 11.77 1.51
CA TYR A 47 -8.60 13.20 1.25
C TYR A 47 -10.04 13.50 0.82
N GLY A 48 -10.73 14.29 1.67
CA GLY A 48 -12.12 14.63 1.37
C GLY A 48 -13.08 13.65 2.07
N VAL A 49 -12.47 12.72 2.83
CA VAL A 49 -13.27 11.71 3.52
C VAL A 49 -13.47 12.08 4.99
N GLU A 50 -14.71 12.49 5.32
CA GLU A 50 -14.99 12.88 6.69
C GLU A 50 -15.74 11.79 7.45
N SER A 51 -15.87 10.57 6.96
CA SER A 51 -16.53 9.52 7.73
C SER A 51 -16.18 8.14 7.19
N PRO A 52 -15.91 7.18 8.08
CA PRO A 52 -15.57 5.81 7.73
C PRO A 52 -16.80 5.07 7.20
N LYS A 53 -17.97 5.69 7.36
CA LYS A 53 -19.23 5.11 6.92
C LYS A 53 -19.33 4.86 5.43
N ILE A 54 -18.59 5.61 4.64
CA ILE A 54 -18.63 5.44 3.18
C ILE A 54 -17.54 4.48 2.70
N LEU A 55 -16.78 3.92 3.65
CA LEU A 55 -15.70 3.00 3.28
C LEU A 55 -16.10 1.52 3.38
N ARG A 56 -15.52 0.72 2.49
CA ARG A 56 -15.75 -0.72 2.46
C ARG A 56 -14.43 -1.38 2.14
N VAL A 57 -14.05 -2.37 2.95
CA VAL A 57 -12.81 -3.08 2.71
C VAL A 57 -13.13 -4.50 2.24
N TYR A 58 -12.58 -4.86 1.08
CA TYR A 58 -12.79 -6.18 0.52
C TYR A 58 -11.47 -6.94 0.56
N SER A 59 -11.50 -8.14 1.12
CA SER A 59 -10.33 -8.99 1.22
C SER A 59 -10.49 -10.20 0.33
N GLY A 60 -9.39 -10.88 0.04
CA GLY A 60 -9.43 -12.07 -0.79
C GLY A 60 -9.97 -11.83 -2.19
N ILE A 61 -9.68 -10.64 -2.72
CA ILE A 61 -10.13 -10.28 -4.05
C ILE A 61 -8.99 -10.33 -5.06
N LEU A 62 -9.28 -10.86 -6.26
CA LEU A 62 -8.30 -10.90 -7.33
C LEU A 62 -8.82 -9.93 -8.38
N ASN A 63 -10.06 -10.13 -8.81
CA ASN A 63 -10.70 -9.29 -9.82
C ASN A 63 -11.77 -8.39 -9.24
N GLN A 64 -11.73 -7.11 -9.62
CA GLN A 64 -12.73 -6.16 -9.14
C GLN A 64 -14.13 -6.65 -9.49
N ALA A 65 -14.23 -7.46 -10.56
CA ALA A 65 -15.52 -7.99 -10.99
C ALA A 65 -16.17 -8.89 -9.93
N GLU A 66 -15.36 -9.40 -9.00
CA GLU A 66 -15.89 -10.25 -7.94
C GLU A 66 -16.75 -9.43 -6.98
N ILE A 67 -16.55 -8.11 -7.00
CA ILE A 67 -17.27 -7.23 -6.11
C ILE A 67 -18.58 -6.72 -6.70
N ALA A 68 -19.68 -7.12 -6.09
CA ALA A 68 -21.02 -6.73 -6.52
C ALA A 68 -21.79 -6.28 -5.29
N GLU A 69 -23.04 -5.87 -5.48
CA GLU A 69 -23.84 -5.40 -4.36
C GLU A 69 -24.03 -6.48 -3.30
N ASP A 70 -23.97 -7.74 -3.70
CA ASP A 70 -24.15 -8.85 -2.76
C ASP A 70 -22.84 -9.44 -2.22
N THR A 71 -21.72 -8.79 -2.49
CA THR A 71 -20.44 -9.29 -2.01
C THR A 71 -20.19 -8.76 -0.60
N SER A 72 -19.77 -9.63 0.30
CA SER A 72 -19.50 -9.23 1.67
C SER A 72 -18.24 -8.38 1.76
N PHE A 73 -18.18 -7.52 2.77
CA PHE A 73 -17.06 -6.62 2.97
C PHE A 73 -16.95 -6.30 4.45
N PHE A 74 -15.86 -5.63 4.81
CA PHE A 74 -15.64 -5.21 6.19
C PHE A 74 -15.88 -3.72 6.31
N GLY A 75 -16.74 -3.33 7.25
CA GLY A 75 -16.98 -1.92 7.46
C GLY A 75 -15.79 -1.34 8.20
N VAL A 76 -15.62 -0.02 8.15
CA VAL A 76 -14.52 0.63 8.84
C VAL A 76 -15.10 1.39 10.03
N GLN A 77 -14.60 1.06 11.22
CA GLN A 77 -15.08 1.69 12.45
C GLN A 77 -14.33 2.98 12.72
N GLU A 78 -13.05 3.01 12.38
CA GLU A 78 -12.25 4.18 12.64
C GLU A 78 -11.07 4.35 11.67
N ILE A 79 -10.82 5.60 11.30
CA ILE A 79 -9.71 5.94 10.41
C ILE A 79 -8.70 6.64 11.30
N ILE A 80 -7.49 6.09 11.37
CA ILE A 80 -6.45 6.71 12.19
C ILE A 80 -5.33 7.22 11.29
N ILE A 81 -5.20 8.54 11.21
CA ILE A 81 -4.18 9.20 10.40
C ILE A 81 -3.06 9.71 11.29
N HIS A 82 -1.81 9.50 10.89
CA HIS A 82 -0.68 9.97 11.68
C HIS A 82 -0.85 11.47 11.90
N ASP A 83 -0.80 11.92 13.16
CA ASP A 83 -1.01 13.33 13.46
C ASP A 83 0.06 14.25 12.87
N GLN A 84 1.12 13.68 12.32
CA GLN A 84 2.18 14.50 11.73
C GLN A 84 2.03 14.58 10.22
N TYR A 85 1.05 13.86 9.69
CA TYR A 85 0.82 13.84 8.25
C TYR A 85 0.20 15.14 7.72
N LYS A 86 0.77 15.64 6.64
CA LYS A 86 0.28 16.85 5.99
C LYS A 86 0.00 16.48 4.53
N MET A 87 0.96 15.84 3.89
CA MET A 87 0.82 15.41 2.51
C MET A 87 1.81 14.33 2.14
N ALA A 88 1.42 13.47 1.21
CA ALA A 88 2.26 12.36 0.78
C ALA A 88 3.73 12.71 0.59
N GLU A 89 3.97 13.74 -0.18
CA GLU A 89 5.33 14.18 -0.48
C GLU A 89 6.15 14.67 0.71
N SER A 90 5.51 14.96 1.85
CA SER A 90 6.22 15.42 3.05
C SER A 90 6.44 14.29 4.06
N GLY A 91 5.98 13.09 3.75
CA GLY A 91 6.17 11.98 4.66
C GLY A 91 4.97 11.69 5.54
N TYR A 92 5.15 10.79 6.51
CA TYR A 92 4.09 10.39 7.43
C TYR A 92 2.82 9.98 6.72
N ASP A 93 2.96 9.47 5.49
CA ASP A 93 1.83 9.04 4.71
C ASP A 93 1.45 7.62 5.14
N ILE A 94 0.84 7.52 6.31
CA ILE A 94 0.46 6.23 6.86
C ILE A 94 -0.84 6.39 7.64
N ALA A 95 -1.70 5.39 7.52
CA ALA A 95 -2.98 5.40 8.22
C ALA A 95 -3.42 4.00 8.58
N LEU A 96 -4.17 3.89 9.65
CA LEU A 96 -4.70 2.61 10.08
C LEU A 96 -6.21 2.63 9.96
N LEU A 97 -6.77 1.51 9.56
CA LEU A 97 -8.23 1.39 9.46
C LEU A 97 -8.63 0.30 10.45
N LYS A 98 -9.43 0.67 11.44
CA LYS A 98 -9.91 -0.29 12.41
C LYS A 98 -11.24 -0.78 11.86
N LEU A 99 -11.31 -2.08 11.57
CA LEU A 99 -12.51 -2.69 11.01
C LEU A 99 -13.60 -2.90 12.05
N GLU A 100 -14.86 -2.83 11.61
CA GLU A 100 -16.00 -3.02 12.49
C GLU A 100 -16.10 -4.46 12.96
N THR A 101 -15.62 -5.38 12.13
CA THR A 101 -15.63 -6.80 12.44
C THR A 101 -14.27 -7.42 12.22
N THR A 102 -14.05 -8.57 12.82
CA THR A 102 -12.78 -9.28 12.72
C THR A 102 -12.64 -10.08 11.42
N VAL A 103 -11.42 -10.13 10.89
CA VAL A 103 -11.15 -10.86 9.66
C VAL A 103 -10.78 -12.30 10.01
N ASN A 104 -11.48 -13.27 9.43
CA ASN A 104 -11.19 -14.68 9.67
C ASN A 104 -10.11 -15.09 8.66
N TYR A 105 -8.92 -15.39 9.15
CA TYR A 105 -7.83 -15.76 8.27
C TYR A 105 -8.05 -17.08 7.53
N ALA A 106 -7.56 -17.13 6.30
CA ALA A 106 -7.65 -18.30 5.44
C ALA A 106 -6.60 -18.14 4.35
N ASP A 107 -6.46 -19.14 3.50
CA ASP A 107 -5.47 -19.09 2.43
C ASP A 107 -5.68 -17.87 1.51
N SER A 108 -6.91 -17.35 1.48
CA SER A 108 -7.22 -16.21 0.63
C SER A 108 -7.08 -14.85 1.30
N GLN A 109 -6.95 -14.84 2.61
CA GLN A 109 -6.80 -13.59 3.35
C GLN A 109 -6.09 -13.81 4.68
N ARG A 110 -4.86 -13.30 4.77
CA ARG A 110 -4.06 -13.45 5.98
C ARG A 110 -3.18 -12.21 6.13
N PRO A 111 -2.67 -11.96 7.33
CA PRO A 111 -1.82 -10.78 7.55
C PRO A 111 -0.38 -10.92 7.07
N ILE A 112 0.23 -9.77 6.80
CA ILE A 112 1.63 -9.75 6.40
C ILE A 112 2.40 -9.21 7.60
N SER A 113 3.53 -9.84 7.92
CA SER A 113 4.32 -9.42 9.06
C SER A 113 4.98 -8.06 8.83
N LEU A 114 5.09 -7.29 9.91
CA LEU A 114 5.72 -5.99 9.84
C LEU A 114 7.22 -6.21 9.96
N PRO A 115 8.02 -5.27 9.45
CA PRO A 115 9.49 -5.37 9.52
C PRO A 115 9.93 -5.25 10.96
N SER A 116 11.07 -5.85 11.29
CA SER A 116 11.61 -5.76 12.64
C SER A 116 12.64 -4.64 12.60
N LYS A 117 12.81 -3.92 13.70
CA LYS A 117 13.79 -2.83 13.73
C LYS A 117 15.18 -3.40 13.47
N GLY A 118 15.40 -4.63 13.90
CA GLY A 118 16.70 -5.26 13.70
C GLY A 118 16.87 -5.73 12.26
N ASP A 119 15.95 -5.34 11.40
CA ASP A 119 15.99 -5.73 10.00
C ASP A 119 16.27 -4.54 9.08
N ARG A 120 16.64 -3.40 9.66
CA ARG A 120 16.94 -2.22 8.86
C ARG A 120 18.23 -2.38 8.07
N ASN A 121 19.06 -3.33 8.50
CA ASN A 121 20.33 -3.60 7.84
C ASN A 121 20.12 -4.66 6.77
N VAL A 122 18.96 -5.31 6.80
CA VAL A 122 18.63 -6.34 5.84
C VAL A 122 18.48 -5.79 4.44
N ILE A 123 18.97 -6.56 3.46
CA ILE A 123 18.87 -6.15 2.07
C ILE A 123 17.86 -7.01 1.32
N TYR A 124 16.67 -6.45 1.13
CA TYR A 124 15.61 -7.15 0.43
C TYR A 124 15.88 -7.09 -1.08
N THR A 125 16.06 -8.26 -1.70
CA THR A 125 16.31 -8.30 -3.14
C THR A 125 15.17 -9.00 -3.88
N ASP A 126 14.04 -9.18 -3.20
CA ASP A 126 12.88 -9.83 -3.80
C ASP A 126 11.62 -9.08 -3.37
N CYS A 127 11.52 -7.84 -3.82
CA CYS A 127 10.42 -6.94 -3.48
C CYS A 127 9.42 -6.81 -4.64
N TRP A 128 8.14 -6.76 -4.29
CA TRP A 128 7.07 -6.62 -5.27
C TRP A 128 6.05 -5.57 -4.86
N VAL A 129 5.50 -4.86 -5.83
CA VAL A 129 4.46 -3.87 -5.55
C VAL A 129 3.23 -4.38 -6.27
N THR A 130 2.09 -4.31 -5.61
CA THR A 130 0.85 -4.82 -6.18
C THR A 130 -0.31 -3.82 -6.10
N GLY A 131 -1.31 -3.99 -6.96
CA GLY A 131 -2.45 -3.10 -6.94
C GLY A 131 -3.32 -3.11 -8.19
N TRP A 132 -4.46 -2.44 -8.08
CA TRP A 132 -5.42 -2.34 -9.18
C TRP A 132 -5.28 -0.98 -9.88
N GLY A 133 -4.17 -0.30 -9.61
CA GLY A 133 -3.94 1.02 -10.19
C GLY A 133 -3.70 1.12 -11.69
N TYR A 134 -3.47 2.35 -12.12
CA TYR A 134 -3.23 2.67 -13.52
C TYR A 134 -2.05 1.90 -14.10
N ARG A 135 -2.17 1.50 -15.37
CA ARG A 135 -1.12 0.79 -16.07
C ARG A 135 -0.29 1.81 -16.85
N LYS A 136 -0.71 3.07 -16.75
CA LYS A 136 -0.03 4.19 -17.40
C LYS A 136 -0.56 5.50 -16.82
N LEU A 137 0.17 6.59 -17.06
CA LEU A 137 -0.19 7.91 -16.56
C LEU A 137 -1.69 8.20 -16.58
N ARG A 138 -2.27 8.30 -17.77
CA ARG A 138 -3.70 8.55 -17.89
C ARG A 138 -4.33 7.21 -18.21
N ASP A 139 -4.97 6.60 -17.21
CA ASP A 139 -5.59 5.31 -17.39
C ASP A 139 -6.80 5.18 -16.47
N LYS A 140 -7.08 3.96 -16.04
CA LYS A 140 -8.21 3.69 -15.15
C LYS A 140 -7.89 2.53 -14.23
N ILE A 141 -8.78 2.28 -13.28
CA ILE A 141 -8.60 1.19 -12.33
C ILE A 141 -8.71 -0.13 -13.08
N GLN A 142 -7.78 -1.04 -12.81
CA GLN A 142 -7.75 -2.35 -13.46
C GLN A 142 -8.62 -3.39 -12.77
N ASN A 143 -9.11 -4.34 -13.56
CA ASN A 143 -9.95 -5.39 -13.00
C ASN A 143 -9.12 -6.38 -12.19
N THR A 144 -8.04 -6.88 -12.79
CA THR A 144 -7.18 -7.86 -12.18
C THR A 144 -5.99 -7.27 -11.41
N LEU A 145 -5.81 -7.73 -10.18
CA LEU A 145 -4.69 -7.27 -9.35
C LEU A 145 -3.37 -7.50 -10.09
N GLN A 146 -2.58 -6.42 -10.25
CA GLN A 146 -1.30 -6.51 -10.94
C GLN A 146 -0.14 -6.60 -9.95
N LYS A 147 0.97 -7.15 -10.42
CA LYS A 147 2.18 -7.29 -9.62
C LYS A 147 3.40 -6.94 -10.46
N ALA A 148 4.44 -6.43 -9.81
CA ALA A 148 5.66 -6.08 -10.51
C ALA A 148 6.82 -6.20 -9.54
N LYS A 149 7.91 -6.82 -9.98
CA LYS A 149 9.08 -6.96 -9.15
C LYS A 149 9.92 -5.71 -9.38
N ILE A 150 10.22 -5.00 -8.29
CA ILE A 150 10.99 -3.78 -8.40
C ILE A 150 12.08 -3.73 -7.35
N PRO A 151 13.29 -3.35 -7.75
CA PRO A 151 14.42 -3.27 -6.81
C PRO A 151 14.40 -2.00 -5.99
N LEU A 152 14.81 -2.11 -4.73
CA LEU A 152 14.89 -0.96 -3.86
C LEU A 152 16.12 -0.16 -4.26
N VAL A 153 16.08 1.15 -4.02
CA VAL A 153 17.23 2.02 -4.31
C VAL A 153 17.57 2.70 -2.98
N THR A 154 18.81 3.10 -2.82
CA THR A 154 19.22 3.75 -1.58
C THR A 154 18.56 5.13 -1.49
N ASN A 155 18.43 5.67 -0.28
CA ASN A 155 17.83 6.98 -0.15
C ASN A 155 18.67 8.06 -0.84
N GLU A 156 19.99 7.93 -0.77
CA GLU A 156 20.85 8.91 -1.42
C GLU A 156 20.55 8.91 -2.91
N GLU A 157 20.40 7.72 -3.46
CA GLU A 157 20.10 7.56 -4.87
C GLU A 157 18.75 8.19 -5.20
N CYS A 158 17.78 7.92 -4.35
CA CYS A 158 16.44 8.45 -4.52
C CYS A 158 16.42 9.98 -4.46
N GLN A 159 17.07 10.52 -3.43
CA GLN A 159 17.12 11.97 -3.24
C GLN A 159 17.68 12.65 -4.48
N LYS A 160 18.62 11.99 -5.12
CA LYS A 160 19.24 12.52 -6.30
C LYS A 160 18.27 12.58 -7.48
N ARG A 161 17.20 11.78 -7.42
CA ARG A 161 16.21 11.73 -8.49
C ARG A 161 15.06 12.69 -8.19
N TYR A 162 15.02 13.19 -6.96
CA TYR A 162 13.99 14.12 -6.53
C TYR A 162 14.63 15.32 -5.83
N ARG A 163 15.43 16.07 -6.58
CA ARG A 163 16.15 17.24 -6.07
C ARG A 163 15.25 18.29 -5.40
N GLY A 164 14.06 18.50 -5.94
CA GLY A 164 13.16 19.49 -5.36
C GLY A 164 12.45 18.99 -4.12
N HIS A 165 12.67 17.72 -3.78
CA HIS A 165 12.02 17.14 -2.61
C HIS A 165 13.00 16.77 -1.50
N LYS A 166 12.45 16.34 -0.39
CA LYS A 166 13.25 15.93 0.74
C LYS A 166 12.95 14.45 1.04
N ILE A 167 13.84 13.57 0.60
CA ILE A 167 13.65 12.14 0.83
C ILE A 167 14.25 11.80 2.20
N THR A 168 13.39 11.63 3.20
CA THR A 168 13.83 11.34 4.56
C THR A 168 14.02 9.85 4.80
N HIS A 169 14.57 9.49 5.96
CA HIS A 169 14.76 8.08 6.27
C HIS A 169 13.43 7.40 6.58
N LYS A 170 12.36 8.17 6.61
CA LYS A 170 11.04 7.61 6.88
C LYS A 170 10.36 7.24 5.56
N MET A 171 11.13 7.34 4.49
CA MET A 171 10.68 7.01 3.15
C MET A 171 11.65 5.99 2.57
N ILE A 172 11.16 5.21 1.61
CA ILE A 172 11.99 4.22 0.96
C ILE A 172 11.56 4.20 -0.50
N CYS A 173 12.52 4.11 -1.41
CA CYS A 173 12.20 4.12 -2.83
C CYS A 173 12.55 2.85 -3.57
N ALA A 174 11.87 2.63 -4.68
CA ALA A 174 12.11 1.44 -5.50
C ALA A 174 11.86 1.79 -6.94
N GLY A 175 12.76 1.33 -7.81
CA GLY A 175 12.59 1.61 -9.22
C GLY A 175 13.78 1.16 -10.04
N TYR A 176 13.63 1.24 -11.36
CA TYR A 176 14.67 0.88 -12.31
C TYR A 176 15.17 2.19 -12.88
N ARG A 177 16.48 2.34 -13.00
CA ARG A 177 17.05 3.56 -13.55
C ARG A 177 16.34 3.92 -14.86
N GLU A 178 16.07 2.91 -15.67
CA GLU A 178 15.41 3.09 -16.95
C GLU A 178 13.89 3.12 -16.86
N GLY A 179 13.35 2.99 -15.65
CA GLY A 179 11.90 3.00 -15.49
C GLY A 179 11.25 1.76 -16.07
N GLY A 180 9.96 1.84 -16.42
CA GLY A 180 9.28 0.69 -16.99
C GLY A 180 8.36 -0.05 -16.04
N LYS A 181 8.74 -0.15 -14.78
CA LYS A 181 7.93 -0.84 -13.76
C LYS A 181 7.78 0.08 -12.56
N ASP A 182 6.55 0.26 -12.09
CA ASP A 182 6.34 1.15 -10.96
C ASP A 182 4.89 1.10 -10.50
N ALA A 183 4.62 1.65 -9.32
CA ALA A 183 3.24 1.72 -8.82
C ALA A 183 2.70 2.98 -9.49
N CYS A 184 1.39 3.21 -9.40
CA CYS A 184 0.80 4.39 -10.02
C CYS A 184 -0.47 4.79 -9.27
N LYS A 185 -1.16 5.80 -9.77
CA LYS A 185 -2.41 6.25 -9.13
C LYS A 185 -3.33 5.03 -9.03
N GLY A 186 -4.02 4.88 -7.91
CA GLY A 186 -4.88 3.73 -7.71
C GLY A 186 -4.21 2.63 -6.90
N ASP A 187 -2.88 2.64 -6.90
CA ASP A 187 -2.12 1.64 -6.13
C ASP A 187 -1.82 2.18 -4.74
N SER A 188 -2.08 3.47 -4.54
CA SER A 188 -1.85 4.14 -3.25
C SER A 188 -2.33 3.32 -2.05
N GLY A 189 -1.53 3.31 -0.99
CA GLY A 189 -1.97 2.46 0.12
C GLY A 189 -1.51 1.02 -0.07
N GLY A 190 -1.17 0.70 -1.34
CA GLY A 190 -0.68 -0.64 -1.63
C GLY A 190 0.55 -0.98 -0.79
N PRO A 191 0.75 -2.30 -0.61
CA PRO A 191 1.89 -2.81 0.13
C PRO A 191 3.09 -3.06 -0.80
N LEU A 192 4.29 -2.82 -0.24
CA LEU A 192 5.50 -3.10 -0.99
C LEU A 192 6.22 -4.32 -0.40
N SER A 193 5.65 -5.50 -0.71
CA SER A 193 6.09 -6.72 -0.04
C SER A 193 7.50 -7.15 -0.48
N CYS A 194 8.32 -7.51 0.52
CA CYS A 194 9.63 -8.06 0.22
C CYS A 194 9.82 -9.41 0.90
N LYS A 195 10.25 -10.46 0.20
CA LYS A 195 10.42 -11.76 0.80
C LYS A 195 11.86 -12.00 1.17
N HIS A 196 12.14 -12.03 2.47
CA HIS A 196 13.50 -12.28 2.93
C HIS A 196 13.56 -13.55 3.76
N ASN A 197 14.31 -14.53 3.26
CA ASN A 197 14.44 -15.80 3.95
C ASN A 197 13.11 -16.52 4.06
N GLU A 198 12.36 -16.54 2.97
CA GLU A 198 11.07 -17.22 2.92
C GLU A 198 9.96 -16.58 3.74
N VAL A 199 10.17 -15.33 4.15
CA VAL A 199 9.14 -14.65 4.92
C VAL A 199 8.84 -13.28 4.33
N TRP A 200 7.57 -13.07 3.98
CA TRP A 200 7.16 -11.80 3.42
C TRP A 200 7.05 -10.73 4.49
N HIS A 201 7.55 -9.54 4.16
CA HIS A 201 7.49 -8.41 5.07
C HIS A 201 6.90 -7.19 4.38
N LEU A 202 6.16 -6.40 5.13
CA LEU A 202 5.55 -5.18 4.61
C LEU A 202 6.61 -4.09 4.76
N VAL A 203 7.45 -3.93 3.74
CA VAL A 203 8.52 -2.94 3.76
C VAL A 203 8.05 -1.52 3.51
N GLY A 204 7.13 -1.34 2.57
CA GLY A 204 6.65 0.00 2.29
C GLY A 204 5.18 0.08 1.95
N ILE A 205 4.69 1.31 1.89
CA ILE A 205 3.31 1.60 1.54
C ILE A 205 3.39 2.55 0.35
N THR A 206 2.74 2.19 -0.75
CA THR A 206 2.74 3.02 -1.95
C THR A 206 2.27 4.42 -1.59
N SER A 207 3.12 5.41 -1.84
CA SER A 207 2.81 6.78 -1.47
C SER A 207 2.79 7.80 -2.62
N TRP A 208 3.90 7.95 -3.34
CA TRP A 208 3.93 8.91 -4.44
C TRP A 208 5.07 8.72 -5.42
N GLY A 209 5.12 9.61 -6.40
CA GLY A 209 6.16 9.57 -7.41
C GLY A 209 5.82 10.53 -8.53
N GLU A 210 6.84 10.99 -9.26
CA GLU A 210 6.63 11.91 -10.36
C GLU A 210 6.19 11.11 -11.58
N GLY A 211 4.90 11.11 -11.86
CA GLY A 211 4.38 10.34 -12.98
C GLY A 211 4.45 8.88 -12.57
N CYS A 212 4.59 7.97 -13.53
CA CYS A 212 4.68 6.55 -13.20
C CYS A 212 5.65 5.84 -14.14
N ALA A 213 6.60 5.12 -13.55
CA ALA A 213 7.58 4.34 -14.31
C ALA A 213 8.48 5.15 -15.25
N GLN A 214 8.65 6.44 -14.99
CA GLN A 214 9.51 7.25 -15.83
C GLN A 214 10.96 6.90 -15.49
N ARG A 215 11.87 7.10 -16.45
CA ARG A 215 13.27 6.80 -16.16
C ARG A 215 13.77 7.77 -15.11
N GLU A 216 14.64 7.30 -14.23
CA GLU A 216 15.21 8.11 -13.17
C GLU A 216 14.17 8.76 -12.24
N ARG A 217 13.05 8.08 -12.04
CA ARG A 217 12.00 8.58 -11.16
C ARG A 217 11.42 7.41 -10.37
N PRO A 218 12.14 6.97 -9.32
CA PRO A 218 11.76 5.86 -8.44
C PRO A 218 10.43 6.14 -7.73
N GLY A 219 9.69 5.07 -7.43
CA GLY A 219 8.47 5.25 -6.69
C GLY A 219 8.89 5.52 -5.25
N VAL A 220 8.12 6.33 -4.54
CA VAL A 220 8.42 6.65 -3.16
C VAL A 220 7.39 5.96 -2.27
N TYR A 221 7.87 5.30 -1.22
CA TYR A 221 6.99 4.58 -0.33
C TYR A 221 7.26 4.94 1.12
N THR A 222 6.26 4.73 1.97
CA THR A 222 6.41 4.99 3.39
C THR A 222 7.29 3.86 3.91
N ASN A 223 8.33 4.21 4.66
CA ASN A 223 9.25 3.23 5.22
C ASN A 223 8.62 2.66 6.49
N VAL A 224 7.83 1.61 6.32
CA VAL A 224 7.11 0.99 7.43
C VAL A 224 7.87 0.72 8.71
N VAL A 225 9.10 0.22 8.61
CA VAL A 225 9.87 -0.09 9.82
C VAL A 225 9.97 1.12 10.75
N GLU A 226 9.96 2.32 10.17
CA GLU A 226 10.04 3.54 10.95
C GLU A 226 8.76 3.85 11.72
N TYR A 227 7.74 3.02 11.54
CA TYR A 227 6.45 3.23 12.20
C TYR A 227 5.95 2.08 13.05
N VAL A 228 6.80 1.10 13.35
CA VAL A 228 6.34 -0.03 14.17
C VAL A 228 5.92 0.43 15.57
N ASP A 229 6.62 1.42 16.12
CA ASP A 229 6.25 1.92 17.45
C ASP A 229 4.91 2.65 17.35
N TRP A 230 4.73 3.41 16.28
CA TRP A 230 3.48 4.14 16.08
C TRP A 230 2.32 3.16 15.92
N ILE A 231 2.53 2.14 15.08
CA ILE A 231 1.51 1.14 14.83
C ILE A 231 1.12 0.41 16.13
N LEU A 232 2.12 0.03 16.92
CA LEU A 232 1.85 -0.64 18.18
C LEU A 232 1.00 0.25 19.10
N GLU A 233 1.44 1.49 19.27
CA GLU A 233 0.71 2.42 20.12
C GLU A 233 -0.72 2.68 19.67
N LYS A 234 -0.93 2.81 18.37
CA LYS A 234 -2.27 3.08 17.85
C LYS A 234 -3.21 1.87 17.80
N THR A 235 -2.66 0.67 17.74
CA THR A 235 -3.50 -0.52 17.68
C THR A 235 -3.78 -1.17 19.03
N GLN A 236 -3.39 -0.50 20.10
CA GLN A 236 -3.62 -1.01 21.45
C GLN A 236 -5.01 -0.63 21.94
N ALA A 237 -5.33 -1.05 23.16
CA ALA A 237 -6.64 -0.75 23.73
C ALA A 237 -6.55 0.38 24.76
N VAL A 238 -5.47 0.38 25.53
CA VAL A 238 -5.20 1.37 26.59
C VAL A 238 -6.39 2.25 26.97
S SO4 B . -6.13 11.35 -14.03
O1 SO4 B . -7.37 12.14 -13.93
O2 SO4 B . -5.59 11.11 -12.68
O3 SO4 B . -5.14 12.07 -14.84
O4 SO4 B . -6.44 10.05 -14.68
S SO4 C . -14.67 -3.08 19.24
O1 SO4 C . -16.10 -2.83 18.98
O2 SO4 C . -14.11 -1.98 20.04
O3 SO4 C . -13.94 -3.19 17.96
O4 SO4 C . -14.53 -4.34 19.98
C BCT D . 5.68 -16.77 -2.72
O1 BCT D . 6.46 -17.01 -3.65
O2 BCT D . 4.50 -16.37 -2.92
O3 BCT D . 6.18 -16.94 -1.60
C1 421 E . 0.69 7.77 -6.80
C2 421 E . 1.19 6.49 -6.28
C3 421 E . 2.38 5.98 -6.74
C4 421 E . 3.23 6.68 -7.77
C5 421 E . 2.81 7.91 -8.31
C6 421 E . 1.54 8.54 -7.87
C7 421 E . 1.05 9.85 -8.40
C8 421 E . -0.22 10.32 -7.89
C9 421 E . -1.02 9.57 -6.87
C10 421 E . -0.59 8.36 -6.35
C11 421 E . 4.50 6.08 -8.23
N12 421 E . 5.20 5.15 -7.45
N13 421 E . 5.01 6.41 -9.38
N14 421 E . 1.91 10.52 -9.38
C15 421 E . 1.55 11.10 -10.56
C16 421 E . 0.20 10.79 -11.25
O17 421 E . 2.33 11.93 -11.07
C18 421 E . -0.04 9.44 -11.88
C19 421 E . -1.32 9.16 -12.53
C20 421 E . -2.34 10.18 -12.59
C21 421 E . -2.15 11.50 -11.99
C22 421 E . -0.87 11.84 -11.33
C23 421 E . -0.70 13.31 -10.69
O24 421 E . -3.18 12.41 -12.10
C25 421 E . -2.29 10.19 -6.44
O26 421 E . -2.71 11.24 -6.89
O26 421 E . -2.85 9.91 -5.39
O27 421 E . -2.88 9.42 -5.50
O27 421 E . -2.72 11.07 -7.39
C28 421 E . -4.32 9.44 -5.38
C28 421 E . -3.49 10.57 -8.50
#